data_5D76
#
_entry.id   5D76
#
_cell.length_a   69.856
_cell.length_b   97.139
_cell.length_c   174.519
_cell.angle_alpha   90.00
_cell.angle_beta   90.00
_cell.angle_gamma   90.00
#
_symmetry.space_group_name_H-M   'C 2 2 21'
#
loop_
_entity.id
_entity.type
_entity.pdbx_description
1 polymer 'Putative phage lysin'
2 non-polymer 'CHLORIDE ION'
3 non-polymer L-alanyl-D-alpha-glutamine
4 water water
#
_entity_poly.entity_id   1
_entity_poly.type   'polypeptide(L)'
_entity_poly.pdbx_seq_one_letter_code
;MGSHHHHHHHHGSDYDIPTTENLYFNGSMTTVNEALNNVRAQVGSGVSVGNGECYALASWYERMISPDATVGLGAGVGWV
SGATGDTISAKNIGSSYNWQANGWTVSTSGPFQAGQIVTLGATSGNPYGHVVIVEAVDGDRLTILEQNYGGKRYPTRNYY
SAASYRQQVVHYITPPGTVTQTAPTSAGARTYRETGTMSVTVDAINIRRAPNTSGQIVATYKRGESFDYDTVIIDTNGYV
WVSYIGSSGIRNYVATGATKDGKRYGDAWGTFK
;
_entity_poly.pdbx_strand_id   A,B
#
loop_
_chem_comp.id
_chem_comp.type
_chem_comp.name
_chem_comp.formula
58B non-polymer L-alanyl-D-alpha-glutamine 'C8 H15 N3 O4'
CL non-polymer 'CHLORIDE ION' 'Cl -1'
#
# COMPACT_ATOMS: atom_id res chain seq x y z
N THR A 31 7.02 17.13 -9.44
CA THR A 31 7.60 15.90 -8.93
C THR A 31 7.30 15.68 -7.47
N VAL A 32 7.85 14.59 -6.95
CA VAL A 32 7.69 14.21 -5.57
C VAL A 32 8.62 15.04 -4.69
N ASN A 33 9.76 15.42 -5.26
CA ASN A 33 10.74 16.23 -4.56
C ASN A 33 10.21 17.62 -4.33
N GLU A 34 9.60 18.18 -5.35
CA GLU A 34 9.04 19.52 -5.24
C GLU A 34 7.94 19.52 -4.18
N ALA A 35 7.20 18.42 -4.09
CA ALA A 35 6.15 18.29 -3.11
C ALA A 35 6.72 18.10 -1.72
N LEU A 36 7.77 17.30 -1.62
CA LEU A 36 8.44 17.09 -0.35
C LEU A 36 9.04 18.38 0.17
N ASN A 37 9.64 19.16 -0.73
CA ASN A 37 10.24 20.42 -0.34
C ASN A 37 9.21 21.36 0.24
N ASN A 38 7.99 21.24 -0.26
CA ASN A 38 6.95 22.14 0.18
C ASN A 38 6.47 21.77 1.56
N VAL A 39 6.47 20.49 1.86
CA VAL A 39 6.19 20.03 3.21
C VAL A 39 7.35 20.35 4.16
N ARG A 40 8.59 20.17 3.70
CA ARG A 40 9.72 20.52 4.54
C ARG A 40 9.61 21.97 4.99
N ALA A 41 9.15 22.83 4.11
CA ALA A 41 9.12 24.24 4.43
C ALA A 41 7.97 24.58 5.36
N GLN A 42 7.15 23.63 5.73
CA GLN A 42 6.08 23.93 6.67
C GLN A 42 6.57 23.79 8.08
N VAL A 43 7.67 23.08 8.20
CA VAL A 43 8.24 22.82 9.49
C VAL A 43 8.67 24.13 10.17
N GLY A 44 8.16 24.37 11.37
CA GLY A 44 8.59 25.54 12.12
C GLY A 44 7.69 26.73 11.95
N SER A 45 6.67 26.59 11.13
CA SER A 45 5.66 27.60 11.06
C SER A 45 4.97 27.66 12.40
N GLY A 46 4.72 26.49 12.97
CA GLY A 46 3.91 26.40 14.17
C GLY A 46 2.47 26.68 13.82
N VAL A 47 2.12 26.48 12.55
CA VAL A 47 0.80 26.82 12.04
C VAL A 47 0.17 25.67 11.29
N SER A 48 -1.10 25.39 11.58
CA SER A 48 -1.74 24.19 11.07
C SER A 48 -1.97 24.25 9.57
N VAL A 49 -1.62 23.17 8.89
CA VAL A 49 -2.11 22.92 7.56
C VAL A 49 -3.39 22.17 7.75
N GLY A 50 -4.47 22.66 7.16
CA GLY A 50 -5.77 22.14 7.49
C GLY A 50 -6.51 23.21 8.25
N ASN A 51 -7.55 22.94 9.04
CA ASN A 51 -8.01 21.68 9.63
C ASN A 51 -7.10 21.29 10.80
N GLY A 52 -5.83 21.03 10.53
CA GLY A 52 -4.89 20.86 11.62
C GLY A 52 -4.59 19.43 12.02
N GLU A 53 -5.28 18.48 11.41
CA GLU A 53 -5.07 17.08 11.75
C GLU A 53 -4.01 16.43 10.87
N CYS A 54 -3.67 15.18 11.19
CA CYS A 54 -2.60 14.48 10.53
C CYS A 54 -2.91 14.24 9.05
N TYR A 55 -4.17 14.01 8.75
CA TYR A 55 -4.53 13.65 7.40
C TYR A 55 -4.56 14.86 6.50
N ALA A 56 -4.70 16.05 7.10
CA ALA A 56 -4.71 17.27 6.30
C ALA A 56 -3.35 17.50 5.67
N LEU A 57 -2.30 17.09 6.34
CA LEU A 57 -0.98 17.22 5.77
C LEU A 57 -0.77 16.20 4.65
N ALA A 58 -1.21 14.98 4.89
CA ALA A 58 -1.20 13.95 3.86
C ALA A 58 -1.99 14.36 2.63
N SER A 59 -3.19 14.85 2.87
CA SER A 59 -4.09 15.28 1.83
C SER A 59 -3.47 16.34 0.91
N TRP A 60 -2.83 17.33 1.53
CA TRP A 60 -2.18 18.43 0.85
C TRP A 60 -0.99 17.95 0.05
N TYR A 61 -0.23 17.05 0.60
CA TYR A 61 0.91 16.48 -0.07
C TYR A 61 0.47 15.69 -1.28
N GLU A 62 -0.51 14.83 -1.08
CA GLU A 62 -1.01 14.02 -2.20
C GLU A 62 -1.44 14.87 -3.37
N ARG A 63 -2.17 15.93 -3.06
CA ARG A 63 -2.71 16.82 -4.06
C ARG A 63 -1.60 17.48 -4.84
N MET A 64 -0.43 17.62 -4.24
CA MET A 64 0.67 18.28 -4.92
C MET A 64 1.25 17.34 -5.93
N ILE A 65 1.02 16.07 -5.74
CA ILE A 65 1.57 15.07 -6.62
C ILE A 65 0.53 14.69 -7.65
N SER A 66 -0.72 14.63 -7.22
CA SER A 66 -1.84 14.31 -8.09
C SER A 66 -2.89 15.41 -8.07
N PRO A 67 -2.55 16.57 -8.61
CA PRO A 67 -3.48 17.71 -8.58
C PRO A 67 -4.75 17.47 -9.34
N ASP A 68 -4.72 16.59 -10.33
CA ASP A 68 -5.88 16.41 -11.20
C ASP A 68 -6.73 15.15 -10.90
N ALA A 69 -6.37 14.40 -9.86
CA ALA A 69 -7.10 13.21 -9.48
C ALA A 69 -8.55 13.53 -9.18
N THR A 70 -9.45 12.61 -9.52
CA THR A 70 -10.87 12.79 -9.27
C THR A 70 -11.30 11.98 -8.07
N VAL A 71 -10.63 10.87 -7.84
CA VAL A 71 -10.86 10.06 -6.66
C VAL A 71 -9.62 10.07 -5.78
N GLY A 72 -9.80 9.95 -4.47
CA GLY A 72 -8.69 9.83 -3.55
C GLY A 72 -8.72 10.78 -2.38
N LEU A 73 -7.71 10.71 -1.52
CA LEU A 73 -7.64 11.58 -0.34
C LEU A 73 -7.61 13.05 -0.71
N GLY A 74 -6.71 13.42 -1.60
CA GLY A 74 -6.56 14.80 -1.98
C GLY A 74 -7.77 15.26 -2.74
N ALA A 75 -8.35 14.32 -3.49
CA ALA A 75 -9.53 14.58 -4.28
C ALA A 75 -10.76 14.71 -3.40
N GLY A 76 -10.65 14.22 -2.17
CA GLY A 76 -11.71 14.34 -1.21
C GLY A 76 -12.77 13.28 -1.41
N VAL A 77 -12.46 12.31 -2.24
CA VAL A 77 -13.41 11.27 -2.61
C VAL A 77 -12.82 9.89 -2.38
N GLY A 78 -13.45 9.12 -1.50
CA GLY A 78 -13.06 7.75 -1.27
C GLY A 78 -14.24 6.80 -1.20
N TRP A 79 -13.95 5.51 -1.01
CA TRP A 79 -14.98 4.50 -0.90
C TRP A 79 -15.73 4.62 0.41
N VAL A 80 -17.05 4.56 0.35
CA VAL A 80 -17.85 4.63 1.55
C VAL A 80 -17.77 3.30 2.26
N SER A 81 -17.29 2.29 1.53
CA SER A 81 -17.13 0.92 2.02
C SER A 81 -16.51 0.81 3.40
N GLY A 82 -15.74 1.79 3.82
CA GLY A 82 -15.24 1.78 5.17
C GLY A 82 -14.00 2.59 5.46
N ALA A 83 -14.10 3.83 5.93
CA ALA A 83 -15.29 4.68 6.05
C ALA A 83 -16.42 4.16 6.92
N THR A 84 -16.48 4.67 8.13
CA THR A 84 -17.61 4.39 8.98
C THR A 84 -17.98 5.66 9.73
N GLY A 85 -19.26 6.01 9.71
CA GLY A 85 -19.74 7.19 10.38
C GLY A 85 -19.33 8.43 9.62
N ASP A 86 -18.96 8.24 8.36
CA ASP A 86 -18.47 9.29 7.50
C ASP A 86 -17.27 10.02 8.10
N THR A 87 -16.36 9.27 8.70
CA THR A 87 -15.12 9.85 9.17
C THR A 87 -13.93 9.17 8.52
N ILE A 88 -12.79 9.85 8.52
CA ILE A 88 -11.67 9.41 7.71
C ILE A 88 -10.91 8.20 8.26
N SER A 89 -10.49 8.26 9.52
CA SER A 89 -9.70 7.19 10.16
C SER A 89 -8.35 6.91 9.49
N ALA A 90 -7.29 7.44 10.10
CA ALA A 90 -5.95 7.39 9.52
C ALA A 90 -5.43 5.98 9.31
N LYS A 91 -5.81 5.07 10.19
CA LYS A 91 -5.38 3.70 10.09
C LYS A 91 -5.87 3.01 8.82
N ASN A 92 -6.93 3.53 8.20
CA ASN A 92 -7.52 2.87 7.05
C ASN A 92 -7.31 3.58 5.72
N ILE A 93 -6.50 4.63 5.73
CA ILE A 93 -6.39 5.50 4.58
C ILE A 93 -5.88 4.75 3.37
N GLY A 94 -5.07 3.75 3.63
CA GLY A 94 -4.49 2.97 2.56
C GLY A 94 -5.55 2.17 1.86
N SER A 95 -6.59 1.79 2.61
CA SER A 95 -7.62 0.93 2.06
C SER A 95 -8.92 1.67 1.73
N SER A 96 -9.05 2.92 2.17
CA SER A 96 -10.30 3.64 1.99
C SER A 96 -10.28 4.55 0.80
N TYR A 97 -9.11 4.69 0.19
CA TYR A 97 -9.01 5.56 -0.97
C TYR A 97 -8.37 4.80 -2.09
N ASN A 98 -8.77 5.16 -3.31
CA ASN A 98 -8.33 4.44 -4.47
C ASN A 98 -7.00 4.97 -4.96
N TRP A 99 -5.98 4.75 -4.16
CA TRP A 99 -4.63 5.24 -4.47
C TRP A 99 -4.15 4.78 -5.84
N GLN A 100 -4.39 3.53 -6.15
CA GLN A 100 -3.96 2.89 -7.37
C GLN A 100 -4.51 3.57 -8.61
N ALA A 101 -5.66 4.23 -8.46
CA ALA A 101 -6.31 4.90 -9.59
C ALA A 101 -5.47 6.04 -10.08
N ASN A 102 -4.67 6.59 -9.19
CA ASN A 102 -3.88 7.77 -9.51
C ASN A 102 -2.39 7.46 -9.58
N GLY A 103 -2.05 6.18 -9.61
CA GLY A 103 -0.69 5.77 -9.85
C GLY A 103 0.10 5.39 -8.62
N TRP A 104 -0.51 5.51 -7.46
CA TRP A 104 0.17 5.17 -6.22
C TRP A 104 0.10 3.68 -5.94
N THR A 105 1.17 3.08 -5.45
CA THR A 105 1.02 1.71 -4.99
C THR A 105 0.79 1.67 -3.50
N VAL A 106 0.11 0.64 -3.05
CA VAL A 106 -0.19 0.47 -1.64
C VAL A 106 0.27 -0.91 -1.17
N SER A 107 0.92 -0.97 -0.03
CA SER A 107 1.47 -2.23 0.44
C SER A 107 1.56 -2.32 1.96
N THR A 108 1.50 -3.53 2.50
CA THR A 108 1.67 -3.70 3.94
C THR A 108 3.14 -4.00 4.24
N SER A 109 3.92 -4.15 3.18
CA SER A 109 5.33 -4.45 3.29
C SER A 109 6.19 -3.27 2.85
N GLY A 110 7.35 -3.13 3.48
CA GLY A 110 8.27 -2.06 3.15
C GLY A 110 9.06 -2.31 1.89
N PRO A 111 10.29 -1.80 1.83
CA PRO A 111 10.93 -1.00 2.87
C PRO A 111 10.42 0.43 2.86
N PHE A 112 10.83 1.22 3.85
CA PHE A 112 10.57 2.65 3.81
C PHE A 112 11.37 3.26 2.67
N GLN A 113 10.83 4.31 2.06
CA GLN A 113 11.61 5.11 1.15
C GLN A 113 11.01 6.51 1.10
N ALA A 114 11.84 7.47 0.73
CA ALA A 114 11.47 8.86 0.77
C ALA A 114 10.29 9.10 -0.13
N GLY A 115 9.27 9.75 0.41
CA GLY A 115 8.15 10.19 -0.39
C GLY A 115 6.89 9.44 -0.05
N GLN A 116 7.02 8.31 0.62
CA GLN A 116 5.88 7.50 0.94
C GLN A 116 4.94 8.24 1.88
N ILE A 117 3.67 7.87 1.84
CA ILE A 117 2.73 8.22 2.87
C ILE A 117 2.61 6.91 3.64
N VAL A 118 2.60 6.99 4.97
CA VAL A 118 2.60 5.80 5.80
C VAL A 118 1.55 5.89 6.89
N THR A 119 0.80 4.82 7.06
CA THR A 119 -0.27 4.81 8.04
C THR A 119 0.11 3.91 9.17
N LEU A 120 -0.48 4.16 10.32
CA LEU A 120 -0.07 3.48 11.54
C LEU A 120 -1.29 3.10 12.30
N GLY A 121 -1.20 2.00 13.04
CA GLY A 121 -2.33 1.46 13.75
C GLY A 121 -2.78 2.28 14.94
N ALA A 122 -3.90 1.87 15.53
CA ALA A 122 -4.47 2.57 16.67
C ALA A 122 -3.60 2.39 17.89
N THR A 123 -3.67 3.38 18.78
CA THR A 123 -2.89 3.35 19.99
C THR A 123 -3.76 3.73 21.16
N SER A 124 -3.14 3.75 22.34
CA SER A 124 -3.77 4.19 23.55
C SER A 124 -4.42 5.56 23.34
N GLY A 125 -5.74 5.59 23.38
CA GLY A 125 -6.47 6.84 23.23
C GLY A 125 -6.56 7.38 21.81
N ASN A 126 -6.12 6.59 20.83
CA ASN A 126 -6.25 6.99 19.44
C ASN A 126 -6.76 5.86 18.58
N PRO A 127 -8.08 5.66 18.59
CA PRO A 127 -8.71 4.58 17.83
C PRO A 127 -8.47 4.68 16.33
N TYR A 128 -8.30 5.89 15.81
CA TYR A 128 -8.15 6.08 14.37
C TYR A 128 -6.72 5.95 13.90
N GLY A 129 -5.78 5.88 14.83
CA GLY A 129 -4.38 5.76 14.48
C GLY A 129 -3.76 7.07 14.05
N HIS A 130 -2.84 7.01 13.08
CA HIS A 130 -2.03 8.14 12.68
C HIS A 130 -1.52 8.00 11.24
N VAL A 131 -1.21 9.11 10.58
CA VAL A 131 -0.65 9.06 9.23
C VAL A 131 0.46 10.10 9.10
N VAL A 132 1.49 9.78 8.33
CA VAL A 132 2.71 10.58 8.24
C VAL A 132 3.32 10.55 6.86
N ILE A 133 4.39 11.30 6.66
CA ILE A 133 5.12 11.34 5.41
C ILE A 133 6.59 11.05 5.59
N VAL A 134 7.13 10.12 4.84
CA VAL A 134 8.55 9.86 4.93
C VAL A 134 9.30 10.86 4.11
N GLU A 135 10.11 11.66 4.77
CA GLU A 135 10.96 12.60 4.06
C GLU A 135 12.26 11.95 3.61
N ALA A 136 12.84 11.13 4.47
CA ALA A 136 14.15 10.59 4.18
C ALA A 136 14.45 9.29 4.90
N VAL A 137 15.34 8.52 4.30
CA VAL A 137 15.78 7.25 4.85
C VAL A 137 17.29 7.21 4.81
N ASP A 138 17.90 7.36 5.98
CA ASP A 138 19.34 7.31 6.17
C ASP A 138 19.65 6.21 7.18
N GLY A 139 20.24 5.12 6.70
CA GLY A 139 20.52 4.00 7.57
C GLY A 139 19.24 3.47 8.16
N ASP A 140 19.12 3.54 9.48
CA ASP A 140 17.96 3.03 10.15
C ASP A 140 17.16 4.19 10.65
N ARG A 141 17.60 5.38 10.28
CA ARG A 141 16.90 6.57 10.70
C ARG A 141 15.83 6.93 9.72
N LEU A 142 14.59 6.96 10.18
CA LEU A 142 13.52 7.54 9.41
C LEU A 142 13.39 9.01 9.76
N THR A 143 13.35 9.85 8.74
CA THR A 143 12.94 11.24 8.91
C THR A 143 11.46 11.35 8.56
N ILE A 144 10.65 11.75 9.53
CA ILE A 144 9.20 11.74 9.36
C ILE A 144 8.60 13.13 9.49
N LEU A 145 7.88 13.56 8.47
CA LEU A 145 7.09 14.77 8.54
C LEU A 145 5.67 14.39 8.96
N GLU A 146 5.11 15.09 9.94
CA GLU A 146 3.82 14.76 10.48
C GLU A 146 3.12 15.93 11.15
N GLN A 147 1.82 15.83 11.31
CA GLN A 147 1.01 16.89 11.91
C GLN A 147 0.08 16.25 12.94
N ASN A 148 -0.13 16.94 14.05
CA ASN A 148 -0.98 16.44 15.12
C ASN A 148 -0.44 15.16 15.70
N TYR A 149 0.88 15.10 15.84
CA TYR A 149 1.50 14.15 16.74
C TYR A 149 1.75 14.89 18.04
N GLY A 150 1.07 14.49 19.11
CA GLY A 150 1.20 15.19 20.36
C GLY A 150 0.00 15.15 21.30
N GLY A 151 -1.00 16.00 21.09
CA GLY A 151 -1.13 16.91 19.97
C GLY A 151 -0.13 18.04 19.85
N LYS A 152 -0.24 18.73 18.73
CA LYS A 152 0.76 19.65 18.19
C LYS A 152 0.25 19.85 16.79
N ARG A 153 -0.91 20.49 16.70
CA ARG A 153 -1.69 20.49 15.48
C ARG A 153 -1.01 21.23 14.33
N TYR A 154 0.29 21.06 14.20
CA TYR A 154 1.03 21.71 13.15
C TYR A 154 2.20 20.84 12.76
N PRO A 155 2.70 20.99 11.52
CA PRO A 155 3.75 20.11 11.01
C PRO A 155 5.05 20.13 11.80
N THR A 156 5.57 18.94 12.01
CA THR A 156 6.73 18.67 12.84
C THR A 156 7.64 17.73 12.11
N ARG A 157 8.95 17.89 12.22
CA ARG A 157 9.84 16.83 11.78
C ARG A 157 10.27 16.00 12.97
N ASN A 158 10.24 14.68 12.84
CA ASN A 158 10.70 13.80 13.87
C ASN A 158 11.48 12.64 13.32
N TYR A 159 12.26 12.00 14.17
CA TYR A 159 13.11 10.90 13.76
C TYR A 159 12.71 9.63 14.47
N TYR A 160 12.71 8.52 13.75
CA TYR A 160 12.40 7.24 14.37
C TYR A 160 13.29 6.16 13.78
N SER A 161 13.31 5.00 14.44
CA SER A 161 14.07 3.87 13.96
C SER A 161 13.19 3.01 13.08
N ALA A 162 13.69 2.62 11.91
CA ALA A 162 12.90 1.88 10.96
C ALA A 162 12.44 0.58 11.58
N ALA A 163 13.39 -0.12 12.17
CA ALA A 163 13.14 -1.40 12.81
C ALA A 163 12.06 -1.34 13.87
N SER A 164 11.90 -0.19 14.49
CA SER A 164 10.91 -0.03 15.54
C SER A 164 9.61 0.50 14.95
N TYR A 165 9.74 1.33 13.90
CA TYR A 165 8.59 2.01 13.31
C TYR A 165 7.73 1.06 12.49
N ARG A 166 8.38 0.14 11.80
CA ARG A 166 7.68 -0.81 10.92
C ARG A 166 6.68 -1.70 11.67
N GLN A 167 6.90 -1.85 12.97
CA GLN A 167 6.03 -2.66 13.82
C GLN A 167 4.65 -2.05 14.03
N GLN A 168 4.44 -0.83 13.54
CA GLN A 168 3.17 -0.14 13.73
C GLN A 168 2.58 0.31 12.41
N VAL A 169 3.32 0.11 11.33
CA VAL A 169 2.86 0.44 10.00
C VAL A 169 1.75 -0.44 9.52
N VAL A 170 0.64 0.19 9.11
CA VAL A 170 -0.39 -0.53 8.40
C VAL A 170 0.03 -0.62 6.93
N HIS A 171 -0.01 0.50 6.23
CA HIS A 171 0.35 0.53 4.81
C HIS A 171 1.48 1.47 4.45
N TYR A 172 2.28 1.02 3.49
CA TYR A 172 3.23 1.84 2.80
C TYR A 172 2.63 2.33 1.49
N ILE A 173 2.47 3.63 1.33
CA ILE A 173 1.81 4.18 0.15
C ILE A 173 2.75 4.99 -0.72
N THR A 174 3.14 4.40 -1.83
CA THR A 174 4.21 4.91 -2.65
C THR A 174 3.69 5.63 -3.86
N PRO A 175 4.13 6.88 -4.04
CA PRO A 175 3.73 7.75 -5.14
C PRO A 175 4.23 7.25 -6.48
N PRO A 176 3.75 7.83 -7.58
CA PRO A 176 4.31 7.42 -8.86
C PRO A 176 5.80 7.74 -8.95
N GLY A 188 -1.26 24.90 -11.95
CA GLY A 188 -0.21 25.91 -12.09
C GLY A 188 -0.20 26.95 -10.98
N ALA A 189 -0.33 28.22 -11.37
CA ALA A 189 -0.32 29.33 -10.42
C ALA A 189 -1.09 30.53 -10.96
N ARG A 190 -1.71 31.29 -10.07
CA ARG A 190 -2.54 32.44 -10.44
C ARG A 190 -1.98 33.72 -9.83
N THR A 191 -1.87 34.78 -10.63
CA THR A 191 -1.04 35.92 -10.22
C THR A 191 -1.64 37.32 -10.43
N TYR A 192 -1.49 38.20 -9.44
CA TYR A 192 -1.91 39.57 -9.59
C TYR A 192 -1.12 40.59 -8.80
N ARG A 193 -1.30 41.84 -9.19
CA ARG A 193 -0.69 42.96 -8.53
C ARG A 193 -1.52 43.34 -7.33
N GLU A 194 -0.85 43.65 -6.24
CA GLU A 194 -1.49 44.15 -5.04
C GLU A 194 -0.41 44.85 -4.24
N THR A 195 -0.66 46.08 -3.84
CA THR A 195 0.35 46.83 -3.15
C THR A 195 0.01 46.89 -1.68
N GLY A 196 0.37 45.84 -0.96
CA GLY A 196 -0.01 45.71 0.43
C GLY A 196 1.19 45.63 1.33
N THR A 197 0.93 45.33 2.60
CA THR A 197 1.96 45.23 3.60
C THR A 197 1.70 44.00 4.45
N MET A 198 2.70 43.14 4.56
CA MET A 198 2.55 41.95 5.37
C MET A 198 3.26 42.13 6.69
N SER A 199 2.57 41.81 7.76
CA SER A 199 3.19 41.77 9.07
C SER A 199 3.33 40.31 9.47
N VAL A 200 4.56 39.87 9.68
CA VAL A 200 4.88 38.49 10.05
C VAL A 200 4.33 38.04 11.41
N THR A 201 3.59 36.94 11.43
CA THR A 201 3.09 36.39 12.69
C THR A 201 3.53 34.96 12.93
N VAL A 202 4.70 34.60 12.44
CA VAL A 202 5.34 33.35 12.83
C VAL A 202 6.78 33.68 13.14
N ASP A 203 7.52 32.76 13.75
CA ASP A 203 8.86 33.06 14.21
C ASP A 203 9.70 33.69 13.11
N ALA A 204 9.73 33.06 11.94
CA ALA A 204 10.46 33.59 10.80
C ALA A 204 10.11 32.93 9.47
N ILE A 205 10.09 33.73 8.41
CA ILE A 205 9.87 33.26 7.05
C ILE A 205 11.09 33.51 6.18
N ASN A 206 11.43 32.55 5.34
CA ASN A 206 12.55 32.72 4.44
C ASN A 206 12.23 33.63 3.27
N ILE A 207 13.20 34.43 2.87
CA ILE A 207 13.11 35.27 1.67
C ILE A 207 13.77 34.56 0.51
N ARG A 208 13.05 34.37 -0.59
CA ARG A 208 13.61 33.58 -1.68
C ARG A 208 13.73 34.34 -2.99
N ARG A 209 14.56 33.83 -3.89
CA ARG A 209 14.73 34.42 -5.20
C ARG A 209 13.80 33.77 -6.22
N ALA A 210 13.01 32.81 -5.76
CA ALA A 210 12.04 32.15 -6.61
C ALA A 210 10.89 31.67 -5.75
N PRO A 211 9.68 31.67 -6.31
CA PRO A 211 8.50 31.23 -5.56
C PRO A 211 8.32 29.73 -5.62
N ASN A 212 9.36 29.05 -5.19
CA ASN A 212 9.30 27.63 -4.97
C ASN A 212 10.22 27.38 -3.80
N THR A 213 10.11 26.22 -3.18
CA THR A 213 10.86 26.01 -1.98
C THR A 213 12.19 25.33 -2.26
N SER A 214 12.92 25.86 -3.24
CA SER A 214 14.31 25.48 -3.43
C SER A 214 15.08 26.56 -4.16
N GLN A 216 17.20 28.58 -2.70
CA GLN A 216 18.23 29.54 -2.27
C GLN A 216 17.62 30.62 -1.42
N ILE A 217 18.06 30.69 -0.17
CA ILE A 217 17.50 31.62 0.80
C ILE A 217 18.38 32.85 0.97
N VAL A 218 17.85 33.98 0.52
CA VAL A 218 18.48 35.28 0.64
C VAL A 218 18.64 35.70 2.07
N ALA A 219 17.55 35.61 2.82
CA ALA A 219 17.48 36.09 4.19
C ALA A 219 16.15 35.66 4.78
N THR A 220 15.88 36.10 6.00
CA THR A 220 14.60 35.83 6.64
C THR A 220 13.93 37.09 7.15
N TYR A 221 12.64 36.97 7.44
CA TYR A 221 11.89 37.98 8.18
C TYR A 221 11.45 37.37 9.49
N LYS A 222 11.59 38.11 10.58
CA LYS A 222 11.22 37.60 11.89
C LYS A 222 9.83 38.05 12.29
N ARG A 223 9.27 37.42 13.31
CA ARG A 223 7.95 37.76 13.84
C ARG A 223 7.84 39.25 14.05
N GLY A 224 6.68 39.83 13.75
CA GLY A 224 6.45 41.24 14.02
C GLY A 224 6.91 42.19 12.94
N GLU A 225 7.92 41.80 12.18
CA GLU A 225 8.44 42.66 11.12
C GLU A 225 7.40 42.91 10.04
N SER A 226 7.65 43.93 9.22
CA SER A 226 6.70 44.36 8.20
C SER A 226 7.44 44.63 6.89
N PHE A 227 6.75 44.45 5.78
CA PHE A 227 7.33 44.80 4.49
C PHE A 227 6.27 44.90 3.44
N ASP A 228 6.56 45.65 2.39
CA ASP A 228 5.60 45.89 1.31
C ASP A 228 5.83 44.98 0.10
N TYR A 229 4.77 44.70 -0.63
CA TYR A 229 4.89 43.83 -1.77
C TYR A 229 4.02 44.41 -2.87
N ASP A 230 4.26 44.01 -4.12
CA ASP A 230 3.46 44.56 -5.19
C ASP A 230 2.74 43.48 -5.96
N THR A 231 3.05 42.23 -5.61
CA THR A 231 2.58 41.09 -6.37
C THR A 231 2.16 39.92 -5.49
N VAL A 232 1.13 39.21 -5.91
CA VAL A 232 0.71 38.00 -5.23
C VAL A 232 0.72 36.83 -6.19
N ILE A 233 1.23 35.68 -5.74
CA ILE A 233 1.16 34.44 -6.50
C ILE A 233 0.46 33.35 -5.71
N ILE A 234 -0.64 32.85 -6.23
CA ILE A 234 -1.38 31.77 -5.59
C ILE A 234 -1.15 30.44 -6.31
N ASP A 235 -0.32 29.58 -5.72
CA ASP A 235 -0.13 28.25 -6.29
C ASP A 235 -1.43 27.50 -6.14
N THR A 236 -1.78 26.72 -7.13
CA THR A 236 -3.00 25.93 -7.02
C THR A 236 -2.84 24.95 -5.87
N ASN A 237 -1.66 24.36 -5.83
CA ASN A 237 -1.29 23.46 -4.77
C ASN A 237 0.15 23.73 -4.35
N GLY A 238 0.28 24.53 -3.29
CA GLY A 238 1.57 24.94 -2.81
C GLY A 238 1.46 26.00 -1.75
N TYR A 239 1.93 27.20 -2.08
CA TYR A 239 1.89 28.34 -1.19
C TYR A 239 1.32 29.59 -1.83
N VAL A 240 0.86 30.51 -0.98
CA VAL A 240 0.63 31.89 -1.40
C VAL A 240 1.95 32.59 -1.20
N TRP A 241 2.46 33.23 -2.24
CA TRP A 241 3.68 34.01 -2.13
C TRP A 241 3.33 35.47 -2.29
N VAL A 242 4.01 36.34 -1.56
CA VAL A 242 3.99 37.75 -1.93
C VAL A 242 5.35 38.04 -2.51
N SER A 243 5.43 39.00 -3.42
CA SER A 243 6.69 39.29 -4.07
C SER A 243 6.94 40.78 -4.20
N TYR A 244 8.21 41.15 -4.21
CA TYR A 244 8.61 42.53 -4.34
C TYR A 244 9.98 42.65 -5.01
N ILE A 245 10.39 43.89 -5.29
CA ILE A 245 11.73 44.15 -5.80
C ILE A 245 12.64 44.56 -4.67
N GLY A 246 13.68 43.77 -4.43
CA GLY A 246 14.58 44.04 -3.32
C GLY A 246 15.49 45.20 -3.62
N SER A 247 16.49 45.40 -2.76
CA SER A 247 17.44 46.47 -2.98
C SER A 247 18.27 46.24 -4.24
N SER A 248 18.81 45.04 -4.38
CA SER A 248 19.76 44.74 -5.44
C SER A 248 19.15 44.87 -6.84
N GLY A 249 17.83 45.01 -6.90
CA GLY A 249 17.14 45.27 -8.14
C GLY A 249 16.29 44.10 -8.58
N ILE A 250 16.33 43.05 -7.79
CA ILE A 250 15.77 41.77 -8.21
C ILE A 250 14.60 41.34 -7.33
N ARG A 251 13.70 40.54 -7.89
CA ARG A 251 12.54 40.06 -7.14
C ARG A 251 12.88 39.10 -6.04
N ASN A 252 12.41 39.43 -4.84
CA ASN A 252 12.43 38.49 -3.74
C ASN A 252 11.04 37.88 -3.60
N TYR A 253 10.98 36.67 -3.07
CA TYR A 253 9.69 36.01 -2.89
C TYR A 253 9.55 35.55 -1.46
N VAL A 254 8.33 35.63 -0.94
CA VAL A 254 8.08 35.20 0.42
C VAL A 254 6.83 34.36 0.51
N ALA A 255 6.96 33.13 1.01
CA ALA A 255 5.81 32.25 1.23
C ALA A 255 5.03 32.71 2.44
N THR A 256 3.72 32.57 2.40
CA THR A 256 2.86 33.14 3.42
C THR A 256 1.74 32.21 3.89
N GLY A 257 1.77 30.96 3.47
CA GLY A 257 0.78 29.98 3.89
C GLY A 257 0.44 29.00 2.81
N ALA A 258 -0.11 27.85 3.18
CA ALA A 258 -0.38 26.78 2.23
C ALA A 258 -1.65 27.00 1.44
N THR A 259 -1.64 26.54 0.19
CA THR A 259 -2.84 26.47 -0.62
C THR A 259 -3.16 25.05 -1.00
N LYS A 260 -4.45 24.76 -1.17
CA LYS A 260 -4.88 23.49 -1.74
C LYS A 260 -6.03 23.78 -2.66
N ASP A 261 -5.94 23.27 -3.88
CA ASP A 261 -6.98 23.48 -4.88
C ASP A 261 -7.23 24.97 -5.08
N GLY A 262 -6.16 25.77 -5.06
CA GLY A 262 -6.27 27.18 -5.37
C GLY A 262 -6.84 28.06 -4.28
N LYS A 263 -7.12 27.49 -3.11
CA LYS A 263 -7.55 28.25 -1.96
C LYS A 263 -6.56 28.06 -0.83
N ARG A 264 -6.56 28.98 0.14
CA ARG A 264 -5.71 28.81 1.30
C ARG A 264 -6.13 27.55 2.01
N TYR A 265 -5.17 26.83 2.59
CA TYR A 265 -5.47 25.56 3.25
C TYR A 265 -4.78 25.50 4.57
N GLY A 266 -5.13 26.43 5.44
CA GLY A 266 -4.45 26.60 6.70
C GLY A 266 -4.35 28.07 6.94
N ASP A 267 -3.86 28.45 8.09
CA ASP A 267 -3.79 29.86 8.42
C ASP A 267 -2.67 30.53 7.63
N ALA A 268 -2.68 31.86 7.63
CA ALA A 268 -1.65 32.64 6.99
C ALA A 268 -0.51 32.93 7.96
N TRP A 269 0.68 33.14 7.42
CA TRP A 269 1.85 33.32 8.25
C TRP A 269 2.01 34.77 8.65
N GLY A 270 0.98 35.57 8.41
CA GLY A 270 0.98 36.96 8.79
C GLY A 270 -0.31 37.67 8.52
N THR A 271 -0.36 38.97 8.81
CA THR A 271 -1.55 39.76 8.52
C THR A 271 -1.25 40.76 7.42
N PHE A 272 -2.28 41.17 6.71
CA PHE A 272 -2.10 41.96 5.52
C PHE A 272 -2.94 43.24 5.53
N LYS A 273 -2.28 44.36 5.27
CA LYS A 273 -2.92 45.66 5.27
C LYS A 273 -2.44 46.46 4.06
N THR B 30 -9.41 -26.56 2.71
CA THR B 30 -10.56 -27.34 2.25
C THR B 30 -11.82 -26.48 2.01
N THR B 31 -12.01 -25.37 2.73
CA THR B 31 -13.08 -24.42 2.39
C THR B 31 -12.55 -23.19 1.70
N VAL B 32 -13.45 -22.44 1.07
CA VAL B 32 -13.07 -21.24 0.34
C VAL B 32 -12.43 -20.23 1.30
N ASN B 33 -12.90 -20.15 2.54
CA ASN B 33 -12.29 -19.26 3.51
C ASN B 33 -10.90 -19.72 3.94
N GLU B 34 -10.71 -21.03 4.10
CA GLU B 34 -9.40 -21.56 4.45
C GLU B 34 -8.42 -21.25 3.33
N ALA B 35 -8.88 -21.49 2.11
CA ALA B 35 -8.06 -21.31 0.92
C ALA B 35 -7.68 -19.86 0.73
N LEU B 36 -8.62 -18.96 0.95
CA LEU B 36 -8.34 -17.54 0.88
C LEU B 36 -7.39 -17.12 1.98
N ASN B 37 -7.64 -17.57 3.21
CA ASN B 37 -6.70 -17.38 4.32
C ASN B 37 -5.28 -17.81 3.95
N ASN B 38 -5.15 -18.97 3.34
CA ASN B 38 -3.86 -19.42 2.87
C ASN B 38 -3.24 -18.50 1.85
N VAL B 39 -4.06 -17.91 0.99
CA VAL B 39 -3.52 -16.97 0.02
C VAL B 39 -3.19 -15.64 0.69
N ARG B 40 -3.92 -15.32 1.74
CA ARG B 40 -3.63 -14.14 2.53
C ARG B 40 -2.24 -14.24 3.15
N ALA B 41 -1.95 -15.39 3.73
CA ALA B 41 -0.67 -15.60 4.37
C ALA B 41 0.51 -15.53 3.42
N GLN B 42 0.26 -15.41 2.11
CA GLN B 42 1.34 -15.28 1.14
C GLN B 42 1.79 -13.84 1.04
N VAL B 43 0.92 -12.93 1.43
CA VAL B 43 1.15 -11.52 1.23
C VAL B 43 2.24 -11.03 2.17
N GLY B 44 3.20 -10.32 1.60
CA GLY B 44 4.30 -9.77 2.37
C GLY B 44 5.53 -10.64 2.29
N SER B 45 5.35 -11.91 1.96
CA SER B 45 6.45 -12.84 1.94
C SER B 45 7.53 -12.44 0.95
N GLY B 46 7.11 -11.80 -0.13
CA GLY B 46 8.05 -11.44 -1.17
C GLY B 46 8.51 -12.59 -2.02
N VAL B 47 7.99 -13.79 -1.79
CA VAL B 47 8.43 -14.94 -2.56
C VAL B 47 7.34 -15.45 -3.49
N SER B 48 7.68 -15.60 -4.75
CA SER B 48 6.71 -16.02 -5.75
C SER B 48 6.18 -17.43 -5.52
N VAL B 49 4.89 -17.59 -5.74
CA VAL B 49 4.27 -18.90 -5.74
C VAL B 49 4.47 -19.50 -7.12
N GLY B 50 4.72 -20.80 -7.16
CA GLY B 50 4.96 -21.49 -8.42
C GLY B 50 6.13 -20.87 -9.15
N ASN B 51 5.92 -20.56 -10.42
N ASN B 51 5.96 -20.58 -10.42
CA ASN B 51 6.96 -20.00 -11.29
CA ASN B 51 7.04 -20.00 -11.22
C ASN B 51 6.99 -18.48 -11.27
C ASN B 51 6.94 -18.48 -11.33
N GLY B 52 6.06 -17.88 -10.53
CA GLY B 52 6.01 -16.44 -10.42
C GLY B 52 4.93 -15.72 -11.23
N GLU B 53 4.14 -16.45 -11.99
CA GLU B 53 3.22 -15.77 -12.89
C GLU B 53 1.81 -15.72 -12.34
N CYS B 54 0.96 -15.04 -13.10
CA CYS B 54 -0.50 -15.05 -12.97
C CYS B 54 -1.08 -16.33 -12.46
N TYR B 55 -1.01 -17.28 -13.37
CA TYR B 55 -1.62 -18.59 -13.28
CA TYR B 55 -1.71 -18.54 -13.22
C TYR B 55 -1.28 -19.29 -11.99
N ALA B 56 -0.01 -19.17 -11.60
CA ALA B 56 0.52 -19.95 -10.48
C ALA B 56 -0.30 -19.79 -9.21
N LEU B 57 -0.49 -18.56 -8.78
CA LEU B 57 -1.28 -18.27 -7.61
C LEU B 57 -2.72 -18.78 -7.70
N ALA B 58 -3.31 -18.68 -8.88
CA ALA B 58 -4.68 -19.14 -9.09
C ALA B 58 -4.77 -20.66 -9.12
N SER B 59 -3.86 -21.30 -9.85
CA SER B 59 -3.71 -22.75 -9.86
C SER B 59 -3.67 -23.31 -8.47
N TRP B 60 -2.86 -22.66 -7.66
CA TRP B 60 -2.61 -23.07 -6.31
C TRP B 60 -3.89 -22.94 -5.50
N TYR B 61 -4.53 -21.78 -5.59
CA TYR B 61 -5.76 -21.54 -4.85
C TYR B 61 -6.92 -22.43 -5.33
N GLU B 62 -6.90 -22.76 -6.60
CA GLU B 62 -7.92 -23.65 -7.14
C GLU B 62 -7.76 -25.03 -6.56
N ARG B 63 -6.52 -25.47 -6.53
CA ARG B 63 -6.16 -26.79 -6.07
C ARG B 63 -6.54 -27.02 -4.62
N MET B 64 -6.47 -25.97 -3.82
CA MET B 64 -6.76 -26.08 -2.41
C MET B 64 -8.23 -26.36 -2.24
N ILE B 65 -9.01 -25.71 -3.08
CA ILE B 65 -10.44 -25.83 -3.08
C ILE B 65 -10.90 -27.13 -3.75
N SER B 66 -10.25 -27.52 -4.84
CA SER B 66 -10.61 -28.76 -5.53
C SER B 66 -9.45 -29.73 -5.66
N PRO B 67 -8.94 -30.23 -4.53
CA PRO B 67 -7.70 -31.02 -4.54
C PRO B 67 -7.80 -32.33 -5.31
N ASP B 68 -8.98 -32.93 -5.32
CA ASP B 68 -9.12 -34.24 -5.91
C ASP B 68 -9.62 -34.15 -7.34
N ALA B 69 -9.45 -33.00 -7.97
CA ALA B 69 -9.92 -32.81 -9.32
C ALA B 69 -8.96 -33.44 -10.29
N THR B 70 -9.50 -34.06 -11.32
CA THR B 70 -8.69 -34.73 -12.32
C THR B 70 -8.71 -34.01 -13.64
N VAL B 71 -9.60 -33.05 -13.77
CA VAL B 71 -9.54 -32.08 -14.87
C VAL B 71 -9.65 -30.69 -14.28
N GLY B 72 -9.19 -29.70 -15.04
CA GLY B 72 -9.30 -28.31 -14.62
C GLY B 72 -7.99 -27.55 -14.59
N LEU B 73 -8.03 -26.34 -14.07
CA LEU B 73 -6.83 -25.51 -14.04
C LEU B 73 -5.78 -26.11 -13.12
N GLY B 74 -6.19 -26.48 -11.90
CA GLY B 74 -5.29 -27.05 -10.92
C GLY B 74 -4.73 -28.37 -11.35
N ALA B 75 -5.54 -29.17 -12.03
CA ALA B 75 -5.11 -30.48 -12.50
C ALA B 75 -4.23 -30.38 -13.73
N GLY B 76 -4.28 -29.24 -14.39
CA GLY B 76 -3.47 -29.04 -15.58
C GLY B 76 -4.03 -29.70 -16.82
N VAL B 77 -5.34 -29.96 -16.80
CA VAL B 77 -6.00 -30.54 -17.96
C VAL B 77 -7.14 -29.67 -18.43
N GLY B 78 -7.10 -29.28 -19.69
CA GLY B 78 -8.15 -28.49 -20.27
C GLY B 78 -9.13 -29.26 -21.14
N TRP B 79 -9.97 -28.50 -21.83
CA TRP B 79 -10.84 -29.25 -22.74
C TRP B 79 -10.82 -28.77 -24.14
N VAL B 80 -9.89 -27.89 -24.46
CA VAL B 80 -9.69 -27.40 -25.81
C VAL B 80 -8.83 -28.38 -26.62
N SER B 81 -8.76 -28.18 -27.93
CA SER B 81 -7.98 -29.05 -28.78
C SER B 81 -6.51 -28.92 -28.51
N GLY B 82 -5.74 -29.84 -29.04
CA GLY B 82 -4.34 -29.93 -28.67
C GLY B 82 -4.40 -30.51 -27.29
N ALA B 83 -3.29 -30.49 -26.58
CA ALA B 83 -3.38 -30.96 -25.21
C ALA B 83 -2.80 -29.86 -24.36
N THR B 84 -3.31 -28.66 -24.61
CA THR B 84 -2.94 -27.47 -23.88
C THR B 84 -3.22 -27.64 -22.41
N GLY B 85 -2.56 -26.91 -21.53
CA GLY B 85 -2.70 -27.32 -20.13
C GLY B 85 -2.63 -26.24 -19.03
N ASP B 86 -1.56 -25.55 -18.60
CA ASP B 86 -0.13 -25.50 -18.96
C ASP B 86 0.21 -25.11 -20.39
N THR B 87 -0.27 -23.94 -20.78
CA THR B 87 0.15 -23.21 -21.96
C THR B 87 -0.98 -22.26 -22.24
N ILE B 88 -2.03 -22.42 -21.46
CA ILE B 88 -3.23 -21.64 -21.65
C ILE B 88 -3.06 -20.23 -21.05
N SER B 89 -3.24 -19.23 -21.89
CA SER B 89 -3.13 -17.82 -21.49
C SER B 89 -4.18 -17.40 -20.46
N ALA B 90 -3.86 -16.40 -19.66
CA ALA B 90 -4.71 -16.02 -18.55
C ALA B 90 -6.06 -15.52 -18.99
N LYS B 91 -6.12 -14.94 -20.18
CA LYS B 91 -7.38 -14.40 -20.70
C LYS B 91 -8.38 -15.51 -21.00
N ASN B 92 -7.87 -16.73 -21.20
CA ASN B 92 -8.69 -17.86 -21.60
C ASN B 92 -8.90 -18.89 -20.50
N ILE B 93 -8.40 -18.61 -19.31
CA ILE B 93 -8.61 -19.52 -18.20
C ILE B 93 -10.07 -19.90 -18.06
N GLY B 94 -10.96 -18.92 -18.23
CA GLY B 94 -12.36 -19.12 -18.00
C GLY B 94 -13.07 -19.97 -19.02
N SER B 95 -12.44 -20.20 -20.16
CA SER B 95 -13.12 -20.90 -21.24
C SER B 95 -12.40 -22.14 -21.71
N SER B 96 -11.25 -22.42 -21.14
CA SER B 96 -10.46 -23.56 -21.60
C SER B 96 -10.34 -24.68 -20.61
N TYR B 97 -11.13 -24.63 -19.54
CA TYR B 97 -11.13 -25.65 -18.53
C TYR B 97 -12.54 -26.03 -18.16
N ASN B 98 -12.78 -27.32 -17.97
CA ASN B 98 -14.07 -27.78 -17.54
C ASN B 98 -14.30 -27.40 -16.09
N TRP B 99 -14.64 -26.14 -15.85
CA TRP B 99 -14.84 -25.66 -14.50
C TRP B 99 -15.99 -26.29 -13.75
N GLN B 100 -17.08 -26.60 -14.44
CA GLN B 100 -18.27 -27.06 -13.73
C GLN B 100 -18.17 -28.52 -13.39
N ALA B 101 -17.17 -29.20 -13.93
CA ALA B 101 -16.87 -30.54 -13.50
C ALA B 101 -16.46 -30.59 -12.03
N ASN B 102 -15.97 -29.47 -11.51
CA ASN B 102 -15.50 -29.41 -10.14
C ASN B 102 -16.36 -28.54 -9.26
N GLY B 103 -17.49 -28.11 -9.79
CA GLY B 103 -18.47 -27.38 -9.01
C GLY B 103 -18.36 -25.88 -9.16
N TRP B 104 -17.48 -25.42 -10.02
CA TRP B 104 -17.29 -24.00 -10.17
C TRP B 104 -18.23 -23.48 -11.25
N THR B 105 -18.48 -22.18 -11.25
CA THR B 105 -19.39 -21.56 -12.19
C THR B 105 -18.69 -20.44 -12.95
N VAL B 106 -18.89 -20.39 -14.25
CA VAL B 106 -18.28 -19.37 -15.08
C VAL B 106 -19.34 -18.43 -15.66
N SER B 107 -19.02 -17.15 -15.77
CA SER B 107 -19.96 -16.18 -16.30
C SER B 107 -19.22 -14.96 -16.76
N THR B 108 -19.80 -14.21 -17.69
CA THR B 108 -19.15 -13.00 -18.20
C THR B 108 -19.72 -11.80 -17.48
N SER B 109 -20.55 -12.07 -16.51
CA SER B 109 -21.18 -11.03 -15.74
C SER B 109 -20.99 -11.24 -14.25
N GLY B 110 -20.96 -10.13 -13.53
CA GLY B 110 -20.76 -10.17 -12.10
C GLY B 110 -22.05 -10.50 -11.38
N PRO B 111 -22.17 -10.01 -10.14
CA PRO B 111 -21.21 -9.14 -9.46
C PRO B 111 -19.92 -9.84 -9.03
N PHE B 112 -18.91 -9.07 -8.66
CA PHE B 112 -17.73 -9.64 -8.04
C PHE B 112 -18.15 -10.33 -6.76
N GLN B 113 -17.38 -11.32 -6.35
CA GLN B 113 -17.73 -12.10 -5.17
C GLN B 113 -16.49 -12.66 -4.52
N ALA B 114 -16.40 -12.53 -3.22
CA ALA B 114 -15.26 -13.03 -2.50
C ALA B 114 -15.06 -14.52 -2.79
N GLY B 115 -13.85 -14.87 -3.21
CA GLY B 115 -13.55 -16.23 -3.58
C GLY B 115 -13.43 -16.49 -5.07
N GLN B 116 -13.97 -15.58 -5.88
CA GLN B 116 -13.93 -15.75 -7.32
C GLN B 116 -12.53 -15.72 -7.89
N ILE B 117 -12.29 -16.47 -8.94
CA ILE B 117 -11.14 -16.26 -9.76
C ILE B 117 -11.61 -15.35 -10.86
N VAL B 118 -10.85 -14.33 -11.17
CA VAL B 118 -11.26 -13.42 -12.21
C VAL B 118 -10.15 -13.26 -13.23
N THR B 119 -10.50 -13.41 -14.49
CA THR B 119 -9.54 -13.22 -15.55
C THR B 119 -9.77 -11.90 -16.24
N LEU B 120 -8.69 -11.33 -16.74
CA LEU B 120 -8.72 -9.99 -17.30
C LEU B 120 -8.23 -10.03 -18.73
N GLY B 121 -8.86 -9.21 -19.57
CA GLY B 121 -8.57 -9.22 -20.99
C GLY B 121 -7.15 -8.83 -21.34
N ALA B 122 -6.75 -9.12 -22.58
CA ALA B 122 -5.44 -8.74 -23.05
C ALA B 122 -5.31 -7.22 -23.06
N THR B 123 -4.16 -6.70 -22.67
CA THR B 123 -3.84 -5.30 -22.86
C THR B 123 -2.40 -5.21 -23.31
N SER B 124 -2.08 -4.19 -24.10
CA SER B 124 -0.69 -3.93 -24.42
C SER B 124 0.10 -3.82 -23.12
N GLY B 125 1.25 -4.48 -23.08
CA GLY B 125 1.99 -4.61 -21.84
C GLY B 125 1.98 -6.06 -21.43
N ASN B 126 0.83 -6.70 -21.57
CA ASN B 126 0.73 -8.15 -21.46
C ASN B 126 -0.45 -8.66 -22.27
N PRO B 127 -0.18 -9.11 -23.48
CA PRO B 127 -1.23 -9.62 -24.37
C PRO B 127 -1.84 -10.94 -23.89
N TYR B 128 -1.13 -11.65 -23.02
CA TYR B 128 -1.66 -12.93 -22.58
C TYR B 128 -2.78 -12.75 -21.56
N GLY B 129 -2.99 -11.51 -21.13
CA GLY B 129 -4.00 -11.18 -20.16
C GLY B 129 -3.48 -11.31 -18.74
N HIS B 130 -4.40 -11.41 -17.79
CA HIS B 130 -4.06 -11.50 -16.37
C HIS B 130 -5.12 -12.31 -15.63
N VAL B 131 -4.78 -12.87 -14.47
CA VAL B 131 -5.78 -13.55 -13.66
C VAL B 131 -5.58 -13.25 -12.19
N VAL B 132 -6.67 -13.03 -11.46
CA VAL B 132 -6.63 -12.60 -10.07
C VAL B 132 -7.61 -13.35 -9.19
N ILE B 133 -7.58 -13.07 -7.89
CA ILE B 133 -8.46 -13.67 -6.90
C ILE B 133 -9.17 -12.63 -6.07
N VAL B 134 -10.49 -12.63 -6.04
CA VAL B 134 -11.22 -11.65 -5.27
C VAL B 134 -11.22 -12.02 -3.79
N GLU B 135 -10.67 -11.16 -2.94
CA GLU B 135 -10.62 -11.44 -1.52
C GLU B 135 -11.86 -10.93 -0.79
N ALA B 136 -12.37 -9.79 -1.23
CA ALA B 136 -13.49 -9.21 -0.54
C ALA B 136 -14.21 -8.29 -1.48
N VAL B 137 -15.48 -8.06 -1.18
CA VAL B 137 -16.24 -7.06 -1.89
C VAL B 137 -16.98 -6.26 -0.86
N ASP B 138 -16.69 -4.97 -0.81
CA ASP B 138 -17.35 -4.05 0.07
C ASP B 138 -17.78 -2.84 -0.75
N GLY B 139 -19.05 -2.76 -1.11
CA GLY B 139 -19.53 -1.71 -2.00
C GLY B 139 -18.88 -1.78 -3.35
N ASP B 140 -18.30 -0.69 -3.79
CA ASP B 140 -17.60 -0.63 -5.06
C ASP B 140 -16.12 -1.01 -4.87
N ARG B 141 -15.71 -1.23 -3.64
CA ARG B 141 -14.30 -1.53 -3.40
C ARG B 141 -14.00 -3.01 -3.52
N LEU B 142 -13.16 -3.36 -4.49
CA LEU B 142 -12.64 -4.71 -4.63
C LEU B 142 -11.31 -4.87 -3.94
N THR B 143 -11.20 -5.87 -3.07
CA THR B 143 -9.92 -6.23 -2.50
C THR B 143 -9.39 -7.40 -3.32
N ILE B 144 -8.27 -7.20 -4.00
CA ILE B 144 -7.75 -8.21 -4.93
C ILE B 144 -6.42 -8.80 -4.50
N LEU B 145 -6.31 -10.13 -4.62
CA LEU B 145 -5.04 -10.83 -4.43
C LEU B 145 -4.52 -11.30 -5.79
N GLU B 146 -3.22 -11.14 -6.02
CA GLU B 146 -2.64 -11.01 -7.35
C GLU B 146 -1.18 -11.45 -7.39
N GLN B 147 -0.73 -11.98 -8.53
CA GLN B 147 0.70 -12.17 -8.74
C GLN B 147 1.13 -11.66 -10.11
N ASN B 148 2.34 -11.13 -10.18
CA ASN B 148 2.93 -10.59 -11.41
C ASN B 148 2.13 -9.39 -11.93
N TYR B 149 1.78 -8.50 -11.02
CA TYR B 149 1.23 -7.19 -11.35
C TYR B 149 2.05 -6.11 -10.65
N GLY B 150 2.65 -5.21 -11.41
CA GLY B 150 2.67 -5.32 -12.85
C GLY B 150 3.85 -6.19 -13.25
N GLY B 151 4.94 -6.04 -12.51
CA GLY B 151 6.13 -6.82 -12.75
C GLY B 151 6.65 -7.38 -11.44
N LYS B 152 5.95 -7.07 -10.36
CA LYS B 152 6.25 -7.68 -9.07
C LYS B 152 5.75 -9.11 -9.10
N ARG B 153 6.68 -10.05 -9.24
CA ARG B 153 6.32 -11.44 -9.42
C ARG B 153 6.18 -12.16 -8.09
N TYR B 154 5.43 -11.60 -7.16
CA TYR B 154 5.12 -12.25 -5.90
C TYR B 154 3.72 -11.80 -5.48
N PRO B 155 3.08 -12.52 -4.55
CA PRO B 155 1.71 -12.17 -4.18
C PRO B 155 1.57 -10.81 -3.52
N THR B 156 0.52 -10.08 -3.87
CA THR B 156 0.27 -8.75 -3.33
C THR B 156 -1.23 -8.49 -3.16
N ARG B 157 -1.58 -7.47 -2.39
CA ARG B 157 -2.96 -7.12 -2.20
C ARG B 157 -3.17 -5.72 -2.74
N ASN B 158 -4.19 -5.54 -3.56
CA ASN B 158 -4.51 -4.25 -4.15
C ASN B 158 -6.00 -3.94 -4.12
N TYR B 159 -6.35 -2.66 -4.23
CA TYR B 159 -7.73 -2.24 -4.12
C TYR B 159 -8.18 -1.53 -5.37
N TYR B 160 -9.30 -1.96 -5.90
CA TYR B 160 -9.76 -1.48 -7.16
C TYR B 160 -11.21 -1.06 -7.11
N SER B 161 -11.59 -0.21 -8.04
CA SER B 161 -12.99 0.15 -8.22
C SER B 161 -13.68 -0.86 -9.14
N ALA B 162 -14.71 -1.51 -8.63
CA ALA B 162 -15.50 -2.48 -9.41
C ALA B 162 -15.99 -1.90 -10.73
N ALA B 163 -16.50 -0.67 -10.70
CA ALA B 163 -17.11 -0.06 -11.86
C ALA B 163 -16.09 0.17 -12.97
N SER B 164 -14.84 0.28 -12.59
CA SER B 164 -13.79 0.39 -13.57
C SER B 164 -13.22 -0.96 -13.89
N TYR B 165 -13.14 -1.81 -12.87
CA TYR B 165 -12.41 -3.05 -12.98
C TYR B 165 -13.17 -4.04 -13.83
N ARG B 166 -14.49 -3.93 -13.81
CA ARG B 166 -15.35 -4.81 -14.60
C ARG B 166 -15.24 -4.62 -16.11
N GLN B 167 -14.64 -3.52 -16.55
CA GLN B 167 -14.55 -3.24 -17.97
C GLN B 167 -13.37 -3.94 -18.62
N GLN B 168 -12.63 -4.71 -17.83
CA GLN B 168 -11.53 -5.46 -18.39
C GLN B 168 -11.69 -6.93 -18.09
N VAL B 169 -12.68 -7.27 -17.27
CA VAL B 169 -12.93 -8.67 -16.94
C VAL B 169 -13.45 -9.44 -18.14
N VAL B 170 -12.83 -10.60 -18.39
CA VAL B 170 -13.36 -11.58 -19.31
C VAL B 170 -14.37 -12.48 -18.61
N HIS B 171 -13.94 -13.20 -17.58
CA HIS B 171 -14.82 -14.10 -16.85
C HIS B 171 -14.77 -13.97 -15.33
N TYR B 172 -15.87 -14.35 -14.72
CA TYR B 172 -16.02 -14.47 -13.29
C TYR B 172 -16.16 -15.94 -13.00
N ILE B 173 -15.23 -16.50 -12.25
CA ILE B 173 -15.23 -17.92 -11.99
C ILE B 173 -15.48 -18.18 -10.51
N THR B 174 -16.66 -18.69 -10.21
CA THR B 174 -17.14 -18.76 -8.85
C THR B 174 -17.06 -20.17 -8.29
N PRO B 175 -16.45 -20.32 -7.12
CA PRO B 175 -16.27 -21.61 -6.44
C PRO B 175 -17.54 -22.17 -5.82
N PRO B 176 -17.65 -23.49 -5.74
CA PRO B 176 -18.81 -24.14 -5.12
C PRO B 176 -18.96 -23.76 -3.66
N GLY B 188 -4.45 -36.05 4.30
CA GLY B 188 -4.45 -34.80 3.55
C GLY B 188 -3.15 -34.05 3.71
N ALA B 189 -2.18 -34.72 4.31
CA ALA B 189 -0.86 -34.18 4.56
C ALA B 189 0.13 -35.31 4.71
N ARG B 190 1.36 -35.06 4.30
CA ARG B 190 2.42 -36.02 4.51
C ARG B 190 3.28 -35.47 5.63
N THR B 191 3.64 -36.33 6.56
CA THR B 191 4.34 -35.87 7.74
C THR B 191 5.47 -36.82 8.08
N TYR B 192 6.52 -36.29 8.69
CA TYR B 192 7.65 -37.13 9.09
C TYR B 192 8.62 -36.37 9.97
N ARG B 193 9.47 -37.12 10.68
CA ARG B 193 10.37 -36.52 11.65
C ARG B 193 11.70 -36.20 11.01
N GLU B 194 12.24 -35.04 11.37
CA GLU B 194 13.46 -34.55 10.78
C GLU B 194 14.08 -33.49 11.66
N THR B 195 15.20 -33.83 12.27
CA THR B 195 15.95 -32.86 13.05
C THR B 195 16.81 -32.02 12.11
N GLY B 196 16.45 -30.76 12.00
CA GLY B 196 17.19 -29.84 11.16
C GLY B 196 17.07 -28.46 11.73
N THR B 197 17.71 -27.52 11.07
CA THR B 197 17.68 -26.14 11.50
C THR B 197 17.33 -25.24 10.33
N MET B 198 16.24 -24.50 10.45
CA MET B 198 15.85 -23.56 9.43
C MET B 198 16.37 -22.17 9.70
N SER B 199 16.94 -21.53 8.69
CA SER B 199 17.30 -20.12 8.81
C SER B 199 16.41 -19.25 7.92
N VAL B 200 15.69 -18.33 8.54
CA VAL B 200 14.67 -17.53 7.88
C VAL B 200 15.22 -16.55 6.84
N THR B 201 14.68 -16.61 5.63
CA THR B 201 15.13 -15.79 4.49
C THR B 201 14.14 -14.67 4.13
N VAL B 202 12.94 -14.70 4.66
CA VAL B 202 12.01 -13.60 4.43
C VAL B 202 11.95 -12.71 5.66
N ASP B 203 11.15 -11.65 5.59
CA ASP B 203 11.06 -10.68 6.67
C ASP B 203 10.62 -11.31 7.98
N ALA B 204 9.48 -12.00 7.96
CA ALA B 204 8.92 -12.50 9.22
C ALA B 204 7.85 -13.54 9.00
N ILE B 205 8.12 -14.72 9.53
CA ILE B 205 7.16 -15.81 9.49
C ILE B 205 6.48 -15.91 10.85
N ASN B 206 5.22 -16.32 10.87
CA ASN B 206 4.50 -16.40 12.12
C ASN B 206 4.74 -17.71 12.83
N ILE B 207 4.53 -17.73 14.15
CA ILE B 207 4.60 -18.97 14.90
C ILE B 207 3.21 -19.28 15.43
N ARG B 208 2.80 -20.53 15.29
CA ARG B 208 1.42 -20.88 15.55
C ARG B 208 1.29 -22.19 16.29
N ARG B 209 0.23 -22.33 17.06
CA ARG B 209 0.00 -23.52 17.85
C ARG B 209 -0.61 -24.61 17.00
N ALA B 210 -0.86 -24.30 15.73
CA ALA B 210 -1.40 -25.29 14.81
C ALA B 210 -0.90 -25.02 13.41
N PRO B 211 -0.68 -26.09 12.63
CA PRO B 211 -0.25 -25.89 11.24
C PRO B 211 -1.39 -25.50 10.32
N ASN B 212 -2.09 -24.44 10.67
CA ASN B 212 -3.11 -23.81 9.82
C ASN B 212 -2.83 -22.33 9.78
N THR B 213 -3.39 -21.64 8.80
CA THR B 213 -3.25 -20.20 8.75
C THR B 213 -4.31 -19.55 9.62
N SER B 214 -5.04 -20.39 10.34
CA SER B 214 -5.96 -19.90 11.34
C SER B 214 -5.31 -20.02 12.70
N GLY B 215 -4.33 -20.92 12.79
CA GLY B 215 -3.62 -21.23 14.03
C GLY B 215 -3.18 -19.99 14.79
N GLN B 216 -3.19 -20.06 16.12
CA GLN B 216 -2.99 -18.88 16.94
C GLN B 216 -1.55 -18.39 16.86
N ILE B 217 -1.36 -17.12 16.51
CA ILE B 217 -0.04 -16.54 16.46
C ILE B 217 0.52 -16.44 17.87
N VAL B 218 1.73 -16.92 18.07
CA VAL B 218 2.35 -16.80 19.36
C VAL B 218 3.48 -15.79 19.28
N ALA B 219 4.31 -15.92 18.25
CA ALA B 219 5.36 -14.95 17.96
C ALA B 219 5.83 -15.07 16.51
N THR B 220 6.94 -14.41 16.19
CA THR B 220 7.50 -14.47 14.85
C THR B 220 9.02 -14.58 14.85
N TYR B 221 9.54 -15.35 13.91
CA TYR B 221 10.96 -15.33 13.61
C TYR B 221 11.20 -14.27 12.57
N LYS B 222 12.39 -13.69 12.56
CA LYS B 222 12.66 -12.63 11.62
C LYS B 222 13.88 -12.93 10.78
N ARG B 223 14.14 -12.05 9.84
CA ARG B 223 15.18 -12.25 8.85
C ARG B 223 16.57 -12.55 9.41
N GLY B 224 16.83 -13.81 9.71
CA GLY B 224 18.18 -14.21 10.04
C GLY B 224 18.22 -15.22 11.14
N GLU B 225 17.11 -15.37 11.84
CA GLU B 225 17.10 -16.26 12.98
C GLU B 225 17.09 -17.70 12.52
N SER B 226 18.03 -18.48 13.01
CA SER B 226 17.93 -19.91 12.82
C SER B 226 17.02 -20.46 13.92
N PHE B 227 16.55 -21.69 13.75
CA PHE B 227 15.91 -22.39 14.84
C PHE B 227 15.82 -23.87 14.57
N ASP B 228 15.70 -24.64 15.64
CA ASP B 228 15.71 -26.08 15.56
C ASP B 228 14.30 -26.55 15.32
N TYR B 229 14.15 -27.73 14.74
CA TYR B 229 12.84 -28.30 14.54
C TYR B 229 13.01 -29.79 14.42
N ASP B 230 11.95 -30.55 14.64
CA ASP B 230 12.07 -32.00 14.59
C ASP B 230 11.06 -32.69 13.69
N THR B 231 10.08 -31.94 13.20
CA THR B 231 9.04 -32.52 12.37
C THR B 231 8.70 -31.64 11.17
N VAL B 232 8.33 -32.30 10.08
CA VAL B 232 7.93 -31.64 8.85
C VAL B 232 6.51 -32.04 8.48
N ILE B 233 5.69 -31.06 8.16
CA ILE B 233 4.39 -31.36 7.58
C ILE B 233 4.25 -30.77 6.19
N ILE B 234 4.02 -31.63 5.22
CA ILE B 234 3.79 -31.21 3.85
C ILE B 234 2.33 -31.24 3.49
N ASP B 235 1.62 -30.12 3.61
CA ASP B 235 0.27 -30.01 3.08
C ASP B 235 0.27 -30.51 1.64
N THR B 236 -0.74 -31.27 1.25
CA THR B 236 -0.79 -31.71 -0.13
C THR B 236 -0.94 -30.47 -0.99
N ASN B 237 -1.73 -29.54 -0.49
CA ASN B 237 -1.97 -28.28 -1.14
C ASN B 237 -2.12 -27.24 -0.08
N GLY B 238 -1.06 -26.49 0.17
CA GLY B 238 -1.07 -25.53 1.24
C GLY B 238 0.32 -25.06 1.51
N TYR B 239 0.88 -25.48 2.65
CA TYR B 239 2.24 -25.13 3.01
C TYR B 239 3.09 -26.32 3.46
N VAL B 240 4.39 -26.10 3.47
CA VAL B 240 5.28 -26.95 4.23
C VAL B 240 5.50 -26.30 5.58
N TRP B 241 5.20 -27.04 6.64
CA TRP B 241 5.46 -26.59 7.99
C TRP B 241 6.61 -27.33 8.61
N VAL B 242 7.28 -26.70 9.55
CA VAL B 242 8.22 -27.38 10.42
C VAL B 242 7.72 -27.25 11.83
N SER B 243 8.04 -28.21 12.68
CA SER B 243 7.54 -28.15 14.04
C SER B 243 8.61 -28.47 15.09
N TYR B 244 8.34 -28.03 16.32
CA TYR B 244 9.21 -28.26 17.45
C TYR B 244 8.49 -27.93 18.73
N ILE B 245 9.06 -28.37 19.85
CA ILE B 245 8.59 -27.96 21.16
C ILE B 245 9.37 -26.75 21.60
N GLY B 246 8.69 -25.64 21.84
CA GLY B 246 9.37 -24.37 21.95
C GLY B 246 9.21 -23.59 23.23
N SER B 247 10.36 -23.09 23.72
CA SER B 247 10.44 -22.37 24.99
C SER B 247 9.66 -23.12 26.05
N SER B 248 8.83 -22.40 26.78
CA SER B 248 7.85 -23.03 27.65
C SER B 248 6.50 -22.99 26.95
N GLY B 249 6.05 -24.14 26.47
CA GLY B 249 6.83 -25.35 26.53
C GLY B 249 6.27 -26.46 25.68
N ILE B 250 5.61 -26.10 24.58
CA ILE B 250 4.97 -27.11 23.72
C ILE B 250 4.87 -26.70 22.24
N ARG B 251 4.81 -27.71 21.37
CA ARG B 251 4.67 -27.62 19.92
C ARG B 251 4.29 -26.30 19.28
N ASN B 252 5.20 -25.79 18.47
CA ASN B 252 4.92 -24.64 17.63
C ASN B 252 5.11 -24.97 16.16
N TYR B 253 4.41 -24.21 15.32
CA TYR B 253 4.48 -24.43 13.89
C TYR B 253 4.88 -23.17 13.14
N VAL B 254 5.64 -23.37 12.07
CA VAL B 254 6.11 -22.30 11.20
C VAL B 254 5.97 -22.72 9.76
N ALA B 255 5.37 -21.87 8.93
CA ALA B 255 5.23 -22.17 7.50
C ALA B 255 6.50 -21.77 6.77
N THR B 256 6.84 -22.51 5.73
CA THR B 256 8.11 -22.30 5.08
C THR B 256 7.97 -22.19 3.59
N GLY B 257 6.74 -22.04 3.11
CA GLY B 257 6.48 -21.91 1.70
C GLY B 257 5.35 -22.80 1.19
N ALA B 258 4.99 -22.59 -0.07
CA ALA B 258 3.79 -23.15 -0.67
C ALA B 258 3.90 -24.59 -1.17
N THR B 259 2.80 -25.33 -1.03
CA THR B 259 2.72 -26.64 -1.64
C THR B 259 1.58 -26.78 -2.64
N LYS B 260 1.80 -27.61 -3.64
CA LYS B 260 0.77 -28.01 -4.56
C LYS B 260 1.06 -29.43 -4.97
N ASP B 261 0.06 -30.30 -4.88
CA ASP B 261 0.24 -31.70 -5.23
C ASP B 261 1.33 -32.39 -4.43
N GLY B 262 1.60 -31.91 -3.22
CA GLY B 262 2.48 -32.62 -2.33
C GLY B 262 3.95 -32.27 -2.39
N LYS B 263 4.35 -31.44 -3.35
CA LYS B 263 5.70 -30.91 -3.42
C LYS B 263 5.65 -29.42 -3.17
N ARG B 264 6.81 -28.78 -3.05
CA ARG B 264 6.87 -27.33 -2.95
C ARG B 264 6.53 -26.62 -4.25
N TYR B 265 5.83 -25.50 -4.15
CA TYR B 265 5.32 -24.80 -5.31
C TYR B 265 5.63 -23.33 -5.15
N GLY B 266 6.92 -23.02 -5.25
CA GLY B 266 7.45 -21.72 -4.93
C GLY B 266 8.72 -21.93 -4.12
N ASP B 267 9.56 -20.92 -4.02
CA ASP B 267 10.77 -21.03 -3.21
C ASP B 267 10.46 -21.08 -1.72
N ALA B 268 11.34 -21.70 -0.96
CA ALA B 268 11.16 -21.78 0.47
C ALA B 268 11.46 -20.44 1.14
N TRP B 269 10.87 -20.23 2.29
CA TRP B 269 11.07 -18.99 3.03
C TRP B 269 12.31 -19.04 3.91
N GLY B 270 13.16 -20.04 3.68
CA GLY B 270 14.32 -20.25 4.53
C GLY B 270 15.27 -21.30 4.02
N THR B 271 16.33 -21.52 4.81
CA THR B 271 17.42 -22.43 4.46
C THR B 271 17.52 -23.55 5.49
N PHE B 272 17.90 -24.74 5.04
CA PHE B 272 17.99 -25.86 5.93
C PHE B 272 19.35 -26.55 5.85
CL CL C . -12.92 5.15 -7.06
CL CL D . -18.12 1.98 -1.62
C10 58B E . 9.58 29.29 5.88
N01 58B E . 13.92 29.01 9.64
C02 58B E . 12.69 29.65 9.36
C03 58B E . 12.96 30.98 8.71
C04 58B E . 11.83 28.81 8.43
N05 58B E . 10.56 29.30 8.08
C06 58B E . 9.70 28.57 7.22
C07 58B E . 8.37 28.49 7.92
N08 58B E . 7.71 29.64 8.43
O09 58B E . 7.85 27.41 8.05
C11 58B E . 10.55 28.76 4.84
C12 58B E . 10.01 28.84 3.43
O13 58B E . 10.73 28.76 2.40
O14 58B E . 8.78 29.00 3.28
O15 58B E . 12.23 27.76 7.98
C10 58B F . 4.19 -15.23 7.85
N01 58B F . 1.55 -10.13 6.98
C02 58B F . 1.94 -11.05 8.00
C03 58B F . 0.81 -11.23 8.98
C04 58B F . 2.25 -12.39 7.36
N05 58B F . 3.54 -12.96 7.44
C06 58B F . 3.76 -14.22 6.81
C07 58B F . 4.71 -14.05 5.64
N08 58B F . 4.44 -13.05 4.67
O09 58B F . 5.71 -14.75 5.47
C11 58B F . 3.60 -16.62 7.59
C12 58B F . 2.12 -16.72 7.87
O13 58B F . 1.62 -17.77 8.39
O14 58B F . 1.35 -15.79 7.56
O15 58B F . 1.34 -12.97 6.79
#